data_1RKT
#
_entry.id   1RKT
#
_cell.length_a   47.983
_cell.length_b   48.765
_cell.length_c   57.233
_cell.angle_alpha   71.96
_cell.angle_beta   70.65
_cell.angle_gamma   80.20
#
_symmetry.space_group_name_H-M   'P 1'
#
loop_
_entity.id
_entity.type
_entity.pdbx_description
1 polymer 'protein yfiR'
2 non-polymer 'UNKNOWN ATOM OR ION'
3 water water
#
_entity_poly.entity_id   1
_entity_poly.type   'polypeptide(L)'
_entity_poly.pdbx_seq_one_letter_code
;(MSE)SPKVTKEHKDKRQAEILEAAKTVFKRKGFELTT(MSE)KDVVEESGFSRGGVYLYFSSTEE(MSE)FRRIIETGL
DEGLRKLDKSAEHQSVWASISSYLDELTEGLRDVADTLAPVQFEYLVTAWRNEERRQYLEKRYDLFVERFSRLLQKGIDQ
GEFQPVQPLATIAKFFLN(MSE)NDGIIQNALYFDEEKADVSGLAESAKLYLKTVLQADEK
;
_entity_poly.pdbx_strand_id   A,B
#
# COMPACT_ATOMS: atom_id res chain seq x y z
N SER A 2 -17.53 -6.02 34.96
CA SER A 2 -17.47 -6.54 36.36
C SER A 2 -17.29 -5.44 37.43
N PRO A 3 -17.25 -4.18 37.02
CA PRO A 3 -17.38 -3.06 37.96
C PRO A 3 -18.84 -2.63 38.04
N LYS A 4 -19.69 -3.49 38.60
CA LYS A 4 -21.14 -3.36 38.45
C LYS A 4 -21.50 -3.29 36.95
N VAL A 5 -20.66 -3.90 36.11
CA VAL A 5 -20.89 -4.04 34.66
C VAL A 5 -20.91 -2.72 33.87
N THR A 6 -20.35 -1.65 34.42
CA THR A 6 -20.46 -0.37 33.72
C THR A 6 -19.39 -0.23 32.63
N LYS A 7 -18.42 -1.13 32.58
CA LYS A 7 -17.54 -1.18 31.43
C LYS A 7 -18.28 -1.64 30.18
N GLU A 8 -19.15 -2.65 30.34
CA GLU A 8 -19.99 -3.14 29.24
C GLU A 8 -20.95 -2.06 28.72
N HIS A 9 -21.59 -1.35 29.65
CA HIS A 9 -22.51 -0.27 29.30
C HIS A 9 -21.77 0.85 28.58
N LYS A 10 -20.55 1.12 29.02
CA LYS A 10 -19.75 2.15 28.36
C LYS A 10 -19.28 1.69 26.97
N ASP A 11 -18.88 0.44 26.86
CA ASP A 11 -18.47 -0.12 25.57
C ASP A 11 -19.62 -0.08 24.57
N LYS A 12 -20.82 -0.43 25.01
CA LYS A 12 -22.01 -0.44 24.15
C LYS A 12 -22.36 0.96 23.68
N ARG A 13 -22.31 1.94 24.58
CA ARG A 13 -22.62 3.31 24.21
C ARG A 13 -21.58 3.84 23.24
N GLN A 14 -20.32 3.55 23.50
CA GLN A 14 -19.26 3.98 22.62
C GLN A 14 -19.44 3.35 21.24
N ALA A 15 -19.83 2.08 21.20
CA ALA A 15 -20.01 1.36 19.95
C ALA A 15 -21.10 2.01 19.12
N GLU A 16 -22.21 2.35 19.77
CA GLU A 16 -23.35 2.99 19.12
C GLU A 16 -22.97 4.32 18.50
N ILE A 17 -22.19 5.11 19.24
CA ILE A 17 -21.80 6.43 18.77
C ILE A 17 -20.92 6.31 17.55
N LEU A 18 -20.05 5.30 17.56
CA LEU A 18 -19.15 5.08 16.45
C LEU A 18 -19.88 4.54 15.22
N GLU A 19 -20.95 3.78 15.42
CA GLU A 19 -21.81 3.37 14.30
C GLU A 19 -22.44 4.59 13.66
N ALA A 20 -22.99 5.47 14.49
CA ALA A 20 -23.54 6.72 14.01
C ALA A 20 -22.48 7.53 13.24
N ALA A 21 -21.28 7.60 13.80
CA ALA A 21 -20.20 8.36 13.18
C ALA A 21 -19.84 7.81 11.80
N LYS A 22 -19.70 6.48 11.72
CA LYS A 22 -19.37 5.77 10.48
C LYS A 22 -20.33 6.12 9.38
N THR A 23 -21.61 6.14 9.74
CA THR A 23 -22.68 6.47 8.82
C THR A 23 -22.47 7.88 8.27
N VAL A 24 -22.12 8.81 9.15
CA VAL A 24 -21.91 10.19 8.73
C VAL A 24 -20.62 10.32 7.91
N PHE A 25 -19.55 9.64 8.33
CA PHE A 25 -18.25 9.70 7.65
C PHE A 25 -18.29 9.13 6.24
N LYS A 26 -19.12 8.11 6.04
CA LYS A 26 -19.23 7.49 4.72
C LYS A 26 -19.84 8.49 3.76
N ARG A 27 -20.76 9.28 4.28
CA ARG A 27 -21.50 10.25 3.48
C ARG A 27 -20.70 11.52 3.20
N LYS A 28 -20.10 12.10 4.23
CA LYS A 28 -19.49 13.43 4.15
C LYS A 28 -17.96 13.43 4.04
N GLY A 29 -17.33 12.30 4.34
CA GLY A 29 -15.88 12.22 4.43
C GLY A 29 -15.42 12.61 5.83
N PHE A 30 -14.12 12.56 6.07
CA PHE A 30 -13.58 12.84 7.40
C PHE A 30 -13.63 14.33 7.77
N GLU A 31 -13.14 15.18 6.88
CA GLU A 31 -12.91 16.58 7.21
C GLU A 31 -14.20 17.39 7.38
N LEU A 32 -15.26 17.00 6.66
CA LEU A 32 -16.50 17.78 6.66
C LEU A 32 -17.51 17.34 7.72
N THR A 33 -17.21 16.26 8.43
CA THR A 33 -18.11 15.77 9.47
C THR A 33 -17.89 16.55 10.76
N THR A 34 -18.98 16.96 11.40
CA THR A 34 -18.91 17.71 12.65
C THR A 34 -19.48 16.91 13.82
N LYS A 36 -21.84 17.92 15.77
CA LYS A 36 -23.29 18.07 15.71
C LYS A 36 -23.93 17.02 14.79
N ASP A 37 -23.30 16.78 13.63
CA ASP A 37 -23.73 15.74 12.69
C ASP A 37 -23.86 14.38 13.37
N VAL A 38 -22.85 14.03 14.15
CA VAL A 38 -22.78 12.72 14.78
C VAL A 38 -23.77 12.65 15.95
N VAL A 39 -23.92 13.74 16.67
CA VAL A 39 -24.88 13.79 17.78
C VAL A 39 -26.28 13.53 17.24
N GLU A 40 -26.65 14.23 16.17
CA GLU A 40 -27.95 14.05 15.52
C GLU A 40 -28.17 12.61 15.08
N GLU A 41 -27.23 12.08 14.31
CA GLU A 41 -27.30 10.71 13.80
C GLU A 41 -27.35 9.61 14.89
N SER A 42 -26.72 9.84 16.04
CA SER A 42 -26.68 8.82 17.10
C SER A 42 -28.00 8.70 17.88
N GLY A 43 -28.81 9.75 17.84
CA GLY A 43 -30.05 9.76 18.60
C GLY A 43 -29.82 10.01 20.08
N PHE A 44 -28.55 10.19 20.47
CA PHE A 44 -28.22 10.51 21.85
C PHE A 44 -28.20 12.03 22.04
N SER A 45 -28.03 12.46 23.29
CA SER A 45 -27.87 13.87 23.59
C SER A 45 -26.43 14.32 23.28
N ARG A 46 -26.25 15.64 23.24
CA ARG A 46 -24.94 16.22 23.00
C ARG A 46 -23.98 15.84 24.12
N GLY A 47 -24.41 15.99 25.37
CA GLY A 47 -23.61 15.64 26.52
C GLY A 47 -23.31 14.15 26.61
N GLY A 48 -24.20 13.32 26.06
CA GLY A 48 -24.03 11.88 26.06
C GLY A 48 -22.95 11.44 25.08
N VAL A 49 -22.68 12.27 24.07
CA VAL A 49 -21.62 11.98 23.11
C VAL A 49 -20.29 12.56 23.59
N TYR A 50 -20.34 13.80 24.07
CA TYR A 50 -19.16 14.52 24.61
C TYR A 50 -18.58 13.83 25.85
N LEU A 51 -19.41 13.03 26.53
CA LEU A 51 -18.94 12.18 27.61
C LEU A 51 -17.76 11.31 27.15
N TYR A 52 -17.88 10.75 25.95
CA TYR A 52 -16.92 9.76 25.44
C TYR A 52 -15.92 10.31 24.42
N PHE A 53 -16.33 11.27 23.60
CA PHE A 53 -15.47 11.82 22.54
C PHE A 53 -15.51 13.34 22.44
N SER A 54 -14.33 13.96 22.30
CA SER A 54 -14.22 15.40 22.20
C SER A 54 -14.12 15.91 20.76
N SER A 55 -13.98 14.98 19.80
CA SER A 55 -13.81 15.37 18.41
C SER A 55 -14.15 14.26 17.44
N THR A 56 -14.39 14.61 16.18
CA THR A 56 -14.62 13.62 15.13
C THR A 56 -13.36 12.82 14.81
N GLU A 57 -12.18 13.42 14.99
CA GLU A 57 -10.91 12.76 14.70
C GLU A 57 -10.69 11.58 15.63
N GLU A 58 -10.97 11.78 16.91
CA GLU A 58 -10.87 10.72 17.92
C GLU A 58 -11.80 9.55 17.55
N PHE A 60 -12.92 8.85 14.41
CA PHE A 60 -12.39 8.28 13.16
C PHE A 60 -11.25 7.31 13.46
N ARG A 61 -10.38 7.69 14.39
CA ARG A 61 -9.29 6.81 14.83
C ARG A 61 -9.82 5.57 15.55
N ARG A 62 -10.83 5.75 16.38
CA ARG A 62 -11.39 4.65 17.15
C ARG A 62 -11.97 3.61 16.21
N ILE A 63 -12.55 4.08 15.11
CA ILE A 63 -13.15 3.18 14.12
C ILE A 63 -12.09 2.40 13.34
N ILE A 64 -10.98 3.05 12.99
CA ILE A 64 -9.84 2.34 12.37
C ILE A 64 -9.35 1.23 13.30
N GLU A 65 -9.21 1.55 14.57
CA GLU A 65 -8.67 0.62 15.57
C GLU A 65 -9.56 -0.59 15.85
N THR A 66 -10.87 -0.37 15.91
CA THR A 66 -11.79 -1.46 16.17
C THR A 66 -11.77 -2.44 15.01
N GLY A 67 -11.58 -1.91 13.80
CA GLY A 67 -11.42 -2.74 12.61
C GLY A 67 -10.18 -3.62 12.67
N LEU A 68 -9.05 -3.07 13.12
CA LEU A 68 -7.81 -3.84 13.26
C LEU A 68 -7.93 -4.86 14.39
N ASP A 69 -8.53 -4.45 15.50
CA ASP A 69 -8.70 -5.30 16.69
C ASP A 69 -9.60 -6.49 16.40
N GLU A 70 -10.52 -6.29 15.46
CA GLU A 70 -11.51 -7.29 15.14
C GLU A 70 -10.93 -8.28 14.14
N GLY A 71 -10.07 -7.78 13.25
CA GLY A 71 -9.32 -8.64 12.35
C GLY A 71 -8.40 -9.57 13.12
N LEU A 72 -7.72 -9.02 14.13
CA LEU A 72 -6.81 -9.79 14.96
C LEU A 72 -7.54 -10.80 15.84
N ARG A 73 -8.68 -10.39 16.38
CA ARG A 73 -9.50 -11.25 17.23
C ARG A 73 -9.99 -12.46 16.43
N LYS A 74 -10.40 -12.23 15.18
CA LYS A 74 -10.88 -13.28 14.30
C LYS A 74 -9.78 -14.29 14.01
N LEU A 75 -8.57 -13.80 13.80
CA LEU A 75 -7.43 -14.66 13.53
C LEU A 75 -7.08 -15.50 14.75
N ASP A 76 -7.06 -14.86 15.92
CA ASP A 76 -6.70 -15.53 17.16
C ASP A 76 -7.74 -16.57 17.54
N LYS A 77 -9.02 -16.20 17.45
CA LYS A 77 -10.10 -17.12 17.80
C LYS A 77 -10.14 -18.32 16.86
N SER A 78 -9.91 -18.07 15.57
N SER A 78 -9.91 -18.08 15.58
CA SER A 78 -9.90 -19.13 14.57
CA SER A 78 -9.92 -19.15 14.59
C SER A 78 -8.82 -20.15 14.91
C SER A 78 -8.81 -20.15 14.90
N ALA A 79 -7.68 -19.64 15.37
CA ALA A 79 -6.53 -20.48 15.74
C ALA A 79 -6.69 -21.20 17.08
N GLU A 80 -7.82 -21.02 17.73
CA GLU A 80 -8.14 -21.82 18.91
C GLU A 80 -8.88 -23.09 18.50
N HIS A 81 -9.33 -23.14 17.25
CA HIS A 81 -10.20 -24.21 16.76
C HIS A 81 -9.70 -24.88 15.48
N GLN A 82 -8.58 -24.41 14.97
CA GLN A 82 -7.87 -25.07 13.87
C GLN A 82 -6.41 -24.62 13.95
N SER A 83 -5.58 -25.13 13.04
CA SER A 83 -4.16 -24.79 13.03
C SER A 83 -3.96 -23.33 12.72
N VAL A 84 -2.82 -22.78 13.13
CA VAL A 84 -2.53 -21.39 12.84
C VAL A 84 -2.46 -21.20 11.34
N TRP A 85 -1.90 -22.17 10.63
CA TRP A 85 -1.83 -22.09 9.17
C TRP A 85 -3.22 -22.02 8.53
N ALA A 86 -4.15 -22.87 8.99
CA ALA A 86 -5.50 -22.89 8.44
C ALA A 86 -6.21 -21.57 8.73
N SER A 87 -5.94 -20.97 9.88
CA SER A 87 -6.55 -19.68 10.26
C SER A 87 -6.07 -18.52 9.38
N ILE A 88 -4.77 -18.47 9.11
CA ILE A 88 -4.22 -17.46 8.21
C ILE A 88 -4.75 -17.67 6.78
N SER A 89 -4.76 -18.91 6.32
N SER A 89 -4.76 -18.91 6.32
CA SER A 89 -5.22 -19.25 4.99
CA SER A 89 -5.24 -19.23 4.97
C SER A 89 -6.72 -18.97 4.81
C SER A 89 -6.72 -18.93 4.82
N SER A 90 -7.48 -19.17 5.88
CA SER A 90 -8.91 -18.89 5.88
C SER A 90 -9.17 -17.38 5.84
N TYR A 91 -8.36 -16.62 6.56
CA TYR A 91 -8.45 -15.18 6.54
C TYR A 91 -8.29 -14.64 5.12
N LEU A 92 -7.30 -15.17 4.39
CA LEU A 92 -7.02 -14.70 3.03
C LEU A 92 -8.17 -15.05 2.08
N ASP A 93 -8.95 -16.08 2.42
CA ASP A 93 -10.14 -16.45 1.66
C ASP A 93 -11.31 -15.52 2.01
N GLU A 94 -11.51 -15.25 3.29
CA GLU A 94 -12.54 -14.30 3.71
C GLU A 94 -12.29 -12.93 3.03
N LEU A 95 -11.04 -12.51 3.07
CA LEU A 95 -10.62 -11.24 2.50
C LEU A 95 -11.05 -11.11 1.03
N THR A 96 -10.80 -12.17 0.27
N THR A 96 -10.83 -12.15 0.23
CA THR A 96 -11.21 -12.27 -1.13
CA THR A 96 -11.23 -12.10 -1.18
C THR A 96 -12.71 -12.09 -1.33
C THR A 96 -12.76 -12.10 -1.38
N GLU A 97 -13.51 -12.74 -0.49
CA GLU A 97 -14.97 -12.68 -0.59
C GLU A 97 -15.50 -11.36 -0.03
N GLY A 98 -14.82 -10.82 0.97
CA GLY A 98 -15.26 -9.65 1.69
C GLY A 98 -15.04 -8.33 0.97
N LEU A 99 -14.20 -8.35 -0.06
CA LEU A 99 -13.79 -7.11 -0.72
C LEU A 99 -14.76 -6.68 -1.83
N ARG A 100 -15.88 -7.37 -1.98
CA ARG A 100 -16.83 -7.05 -3.05
C ARG A 100 -17.26 -5.58 -3.05
N ASP A 101 -17.76 -5.09 -1.92
CA ASP A 101 -18.25 -3.71 -1.84
C ASP A 101 -17.40 -2.89 -0.89
N VAL A 102 -16.11 -2.81 -1.19
CA VAL A 102 -15.17 -2.13 -0.32
C VAL A 102 -15.26 -0.61 -0.54
N ALA A 103 -15.75 -0.21 -1.71
CA ALA A 103 -15.92 1.20 -2.04
C ALA A 103 -17.06 1.85 -1.23
N ASP A 104 -17.92 1.01 -0.67
CA ASP A 104 -19.04 1.46 0.14
C ASP A 104 -18.71 1.42 1.63
N THR A 105 -17.43 1.18 1.93
CA THR A 105 -16.97 1.15 3.30
C THR A 105 -16.18 2.39 3.56
N LEU A 106 -15.63 2.50 4.75
CA LEU A 106 -14.82 3.64 5.12
C LEU A 106 -13.39 3.47 4.61
N ALA A 107 -13.04 2.30 4.08
CA ALA A 107 -11.64 1.99 3.74
C ALA A 107 -10.93 3.08 2.91
N PRO A 108 -11.53 3.52 1.82
CA PRO A 108 -10.91 4.57 1.00
C PRO A 108 -10.73 5.90 1.74
N VAL A 109 -11.68 6.27 2.59
CA VAL A 109 -11.56 7.45 3.45
C VAL A 109 -10.37 7.28 4.42
N GLN A 110 -10.27 6.09 4.99
CA GLN A 110 -9.23 5.75 5.94
C GLN A 110 -7.85 5.72 5.28
N PHE A 111 -7.76 5.16 4.08
CA PHE A 111 -6.50 5.16 3.34
C PHE A 111 -6.04 6.60 3.12
N GLU A 112 -6.96 7.47 2.72
CA GLU A 112 -6.65 8.87 2.46
C GLU A 112 -6.10 9.55 3.71
N TYR A 113 -6.77 9.33 4.84
CA TYR A 113 -6.37 9.89 6.12
C TYR A 113 -4.96 9.44 6.49
N LEU A 114 -4.65 8.16 6.29
CA LEU A 114 -3.36 7.62 6.69
C LEU A 114 -2.22 8.17 5.80
N VAL A 115 -2.50 8.39 4.50
CA VAL A 115 -1.46 8.82 3.58
C VAL A 115 -0.83 10.15 3.97
N THR A 116 -1.62 11.06 4.51
N THR A 116 -1.62 11.05 4.53
CA THR A 116 -1.10 12.39 4.82
CA THR A 116 -1.14 12.39 4.84
C THR A 116 -0.30 12.41 6.12
C THR A 116 -0.27 12.41 6.10
N ALA A 117 -0.12 11.25 6.75
CA ALA A 117 0.70 11.14 7.95
C ALA A 117 2.18 11.46 7.71
N TRP A 118 2.62 11.38 6.46
CA TRP A 118 4.02 11.68 6.13
C TRP A 118 4.34 13.15 6.37
N ARG A 119 3.32 14.02 6.33
CA ARG A 119 3.52 15.44 6.57
C ARG A 119 2.76 15.96 7.80
N ASN A 120 2.53 15.07 8.77
CA ASN A 120 1.84 15.40 10.02
C ASN A 120 2.38 14.46 11.08
N GLU A 121 3.32 14.94 11.88
CA GLU A 121 4.12 14.07 12.74
C GLU A 121 3.31 13.37 13.82
N GLU A 122 2.31 14.04 14.38
CA GLU A 122 1.48 13.44 15.41
C GLU A 122 0.66 12.29 14.82
N ARG A 123 0.15 12.46 13.60
CA ARG A 123 -0.57 11.40 12.91
C ARG A 123 0.36 10.24 12.53
N ARG A 124 1.59 10.55 12.14
CA ARG A 124 2.59 9.53 11.84
C ARG A 124 2.94 8.74 13.09
N GLN A 125 3.07 9.42 14.23
CA GLN A 125 3.35 8.71 15.47
C GLN A 125 2.19 7.81 15.84
N TYR A 126 0.97 8.27 15.56
CA TYR A 126 -0.22 7.48 15.84
C TYR A 126 -0.21 6.23 14.98
N LEU A 127 0.04 6.41 13.69
CA LEU A 127 0.18 5.31 12.75
C LEU A 127 1.26 4.32 13.20
N GLU A 128 2.40 4.84 13.64
CA GLU A 128 3.50 3.97 14.09
C GLU A 128 3.15 3.16 15.33
N LYS A 129 2.38 3.74 16.25
CA LYS A 129 1.94 2.98 17.42
C LYS A 129 1.06 1.81 17.03
N ARG A 130 0.19 2.02 16.05
CA ARG A 130 -0.75 0.98 15.62
C ARG A 130 -0.04 -0.09 14.78
N TYR A 131 0.93 0.35 14.00
CA TYR A 131 1.76 -0.55 13.20
C TYR A 131 2.49 -1.51 14.15
N ASP A 132 3.08 -0.96 15.19
CA ASP A 132 3.83 -1.72 16.17
C ASP A 132 2.95 -2.73 16.89
N LEU A 133 1.72 -2.32 17.24
CA LEU A 133 0.77 -3.23 17.87
C LEU A 133 0.44 -4.40 16.96
N PHE A 134 0.26 -4.11 15.67
CA PHE A 134 -0.06 -5.16 14.72
C PHE A 134 1.11 -6.12 14.57
N VAL A 135 2.31 -5.58 14.42
CA VAL A 135 3.49 -6.43 14.27
C VAL A 135 3.63 -7.37 15.47
N GLU A 136 3.44 -6.84 16.68
CA GLU A 136 3.56 -7.63 17.90
C GLU A 136 2.53 -8.75 17.93
N ARG A 137 1.28 -8.41 17.67
CA ARG A 137 0.19 -9.39 17.71
C ARG A 137 0.30 -10.48 16.66
N PHE A 138 0.63 -10.10 15.43
CA PHE A 138 0.76 -11.07 14.36
C PHE A 138 2.00 -11.96 14.59
N SER A 139 3.05 -11.38 15.15
CA SER A 139 4.23 -12.15 15.51
C SER A 139 3.88 -13.23 16.54
N ARG A 140 3.02 -12.87 17.48
N ARG A 140 3.01 -12.88 17.48
CA ARG A 140 2.59 -13.78 18.53
CA ARG A 140 2.60 -13.78 18.54
C ARG A 140 1.80 -14.95 17.96
C ARG A 140 1.76 -14.94 18.00
N LEU A 141 0.97 -14.66 16.97
CA LEU A 141 0.22 -15.70 16.28
C LEU A 141 1.17 -16.66 15.54
N LEU A 142 2.15 -16.11 14.85
CA LEU A 142 3.16 -16.91 14.16
C LEU A 142 3.94 -17.76 15.16
N GLN A 143 4.20 -17.21 16.34
CA GLN A 143 4.94 -17.95 17.37
C GLN A 143 4.12 -19.13 17.90
N LYS A 144 2.81 -18.95 18.00
CA LYS A 144 1.95 -20.05 18.38
C LYS A 144 2.11 -21.20 17.39
N GLY A 145 2.14 -20.86 16.10
CA GLY A 145 2.37 -21.85 15.05
C GLY A 145 3.67 -22.61 15.20
N ILE A 146 4.75 -21.89 15.48
CA ILE A 146 6.04 -22.51 15.82
C ILE A 146 5.89 -23.45 17.02
N ASP A 147 5.27 -22.96 18.10
CA ASP A 147 5.06 -23.76 19.30
C ASP A 147 4.34 -25.08 19.00
N GLN A 148 3.47 -25.06 18.01
CA GLN A 148 2.64 -26.21 17.68
C GLN A 148 3.29 -27.05 16.58
N GLY A 149 4.52 -26.71 16.22
CA GLY A 149 5.29 -27.49 15.26
C GLY A 149 4.86 -27.29 13.82
N GLU A 150 4.10 -26.23 13.57
CA GLU A 150 3.60 -25.93 12.24
C GLU A 150 4.61 -25.25 11.34
N PHE A 151 5.42 -24.37 11.92
CA PHE A 151 6.33 -23.52 11.15
C PHE A 151 7.77 -23.62 11.65
N GLN A 152 8.71 -23.45 10.72
CA GLN A 152 10.12 -23.18 11.02
C GLN A 152 10.59 -22.03 10.13
N PRO A 153 10.29 -20.79 10.52
CA PRO A 153 10.52 -19.63 9.65
C PRO A 153 11.98 -19.38 9.22
N VAL A 154 12.15 -18.94 7.98
CA VAL A 154 13.48 -18.61 7.47
C VAL A 154 13.74 -17.11 7.47
N GLN A 155 12.78 -16.33 7.94
CA GLN A 155 12.99 -14.91 8.17
C GLN A 155 12.43 -14.54 9.55
N PRO A 156 12.80 -13.39 10.09
CA PRO A 156 12.30 -12.98 11.41
C PRO A 156 10.80 -12.77 11.38
N LEU A 157 10.14 -13.08 12.48
CA LEU A 157 8.68 -12.96 12.55
C LEU A 157 8.20 -11.54 12.26
N ALA A 158 8.97 -10.56 12.70
CA ALA A 158 8.56 -9.18 12.53
C ALA A 158 8.56 -8.79 11.06
N THR A 159 9.54 -9.30 10.32
CA THR A 159 9.64 -9.02 8.89
C THR A 159 8.45 -9.65 8.16
N ILE A 160 8.13 -10.87 8.54
CA ILE A 160 7.00 -11.61 7.96
C ILE A 160 5.70 -10.85 8.22
N ALA A 161 5.55 -10.38 9.46
CA ALA A 161 4.39 -9.58 9.86
C ALA A 161 4.23 -8.32 9.00
N LYS A 162 5.33 -7.61 8.79
CA LYS A 162 5.30 -6.38 8.03
C LYS A 162 5.02 -6.64 6.55
N PHE A 163 5.59 -7.72 6.03
CA PHE A 163 5.34 -8.09 4.65
C PHE A 163 3.87 -8.46 4.48
N PHE A 164 3.32 -9.15 5.48
CA PHE A 164 1.91 -9.55 5.46
C PHE A 164 0.98 -8.35 5.43
N LEU A 165 1.28 -7.37 6.27
CA LEU A 165 0.47 -6.16 6.35
C LEU A 165 0.47 -5.45 4.99
N ASN A 166 1.65 -5.32 4.39
CA ASN A 166 1.76 -4.69 3.08
C ASN A 166 0.99 -5.43 1.97
N ASN A 168 -1.57 -7.52 2.39
CA ASN A 168 -2.96 -7.36 2.77
C ASN A 168 -3.55 -6.01 2.34
N ASP A 169 -2.84 -4.93 2.63
CA ASP A 169 -3.30 -3.58 2.32
C ASP A 169 -3.34 -3.37 0.80
N GLY A 170 -2.37 -3.96 0.12
CA GLY A 170 -2.27 -3.92 -1.33
C GLY A 170 -3.44 -4.62 -1.99
N ILE A 171 -3.85 -5.76 -1.44
CA ILE A 171 -5.03 -6.46 -1.96
C ILE A 171 -6.28 -5.59 -1.82
N ILE A 172 -6.46 -4.97 -0.65
CA ILE A 172 -7.62 -4.09 -0.42
C ILE A 172 -7.60 -2.90 -1.40
N GLN A 173 -6.43 -2.31 -1.57
CA GLN A 173 -6.24 -1.19 -2.49
C GLN A 173 -6.62 -1.57 -3.93
N ASN A 174 -6.16 -2.74 -4.37
CA ASN A 174 -6.49 -3.25 -5.68
C ASN A 174 -8.00 -3.37 -5.86
N ALA A 175 -8.70 -3.90 -4.85
CA ALA A 175 -10.15 -4.03 -4.92
C ALA A 175 -10.84 -2.68 -4.98
N LEU A 176 -10.24 -1.68 -4.33
CA LEU A 176 -10.81 -0.34 -4.29
C LEU A 176 -10.62 0.43 -5.60
N TYR A 177 -9.47 0.26 -6.23
CA TYR A 177 -9.09 1.09 -7.37
C TYR A 177 -9.44 0.50 -8.73
N PHE A 178 -9.64 -0.82 -8.80
CA PHE A 178 -9.87 -1.51 -10.08
C PHE A 178 -11.08 -2.43 -10.06
N ASP A 179 -11.65 -2.67 -11.24
CA ASP A 179 -12.74 -3.66 -11.36
C ASP A 179 -12.25 -5.05 -10.99
N GLU A 180 -13.19 -5.97 -10.82
CA GLU A 180 -12.90 -7.28 -10.24
C GLU A 180 -11.81 -8.08 -10.96
N GLU A 181 -11.88 -8.17 -12.28
CA GLU A 181 -10.92 -8.97 -13.05
C GLU A 181 -9.51 -8.36 -13.02
N LYS A 182 -9.45 -7.03 -13.10
CA LYS A 182 -8.17 -6.32 -13.08
C LYS A 182 -7.52 -6.36 -11.70
N ALA A 183 -8.33 -6.18 -10.67
CA ALA A 183 -7.84 -6.21 -9.29
C ALA A 183 -7.16 -7.54 -8.97
N ASP A 184 -7.74 -8.63 -9.47
CA ASP A 184 -7.21 -9.98 -9.25
C ASP A 184 -6.93 -10.28 -7.80
N VAL A 185 -7.90 -10.01 -6.93
CA VAL A 185 -7.72 -10.25 -5.50
C VAL A 185 -7.42 -11.70 -5.25
N SER A 186 -8.10 -12.58 -5.99
CA SER A 186 -7.97 -14.00 -5.78
C SER A 186 -6.55 -14.47 -6.06
N GLY A 187 -6.00 -14.04 -7.18
CA GLY A 187 -4.63 -14.38 -7.53
C GLY A 187 -3.63 -13.83 -6.54
N LEU A 188 -3.84 -12.59 -6.11
CA LEU A 188 -2.95 -11.95 -5.13
C LEU A 188 -3.00 -12.68 -3.78
N ALA A 189 -4.19 -13.10 -3.37
CA ALA A 189 -4.30 -13.89 -2.13
C ALA A 189 -3.55 -15.23 -2.26
N GLU A 190 -3.62 -15.85 -3.43
CA GLU A 190 -2.90 -17.10 -3.67
C GLU A 190 -1.39 -16.85 -3.64
N SER A 191 -0.97 -15.69 -4.13
CA SER A 191 0.44 -15.32 -4.05
C SER A 191 0.85 -15.13 -2.60
N ALA A 192 -0.03 -14.51 -1.80
CA ALA A 192 0.28 -14.27 -0.39
C ALA A 192 0.45 -15.60 0.31
N LYS A 193 -0.47 -16.51 0.03
CA LYS A 193 -0.37 -17.85 0.56
C LYS A 193 0.93 -18.54 0.18
N LEU A 194 1.34 -18.41 -1.08
N LEU A 194 1.36 -18.43 -1.08
CA LEU A 194 2.58 -19.00 -1.55
CA LEU A 194 2.60 -19.07 -1.48
C LEU A 194 3.75 -18.50 -0.71
C LEU A 194 3.76 -18.50 -0.68
N TYR A 195 3.81 -17.19 -0.53
CA TYR A 195 4.90 -16.56 0.22
C TYR A 195 4.93 -17.04 1.66
N LEU A 196 3.77 -17.02 2.31
CA LEU A 196 3.69 -17.40 3.70
C LEU A 196 4.09 -18.86 3.89
N LYS A 197 3.64 -19.76 3.01
CA LYS A 197 3.96 -21.17 3.14
C LYS A 197 5.47 -21.39 3.05
N THR A 198 6.09 -20.63 2.17
CA THR A 198 7.51 -20.78 1.89
C THR A 198 8.34 -20.22 3.04
N VAL A 199 8.03 -19.00 3.45
CA VAL A 199 8.82 -18.32 4.49
C VAL A 199 8.63 -18.96 5.88
N LEU A 200 7.49 -19.60 6.10
CA LEU A 200 7.18 -20.26 7.35
C LEU A 200 7.58 -21.73 7.30
N GLN A 201 7.94 -22.22 6.12
CA GLN A 201 8.13 -23.65 5.91
C GLN A 201 6.93 -24.45 6.46
N ALA A 202 5.74 -24.04 6.05
CA ALA A 202 4.52 -24.70 6.50
C ALA A 202 4.23 -25.92 5.64
N ASP A 203 4.04 -27.06 6.28
CA ASP A 203 3.77 -28.31 5.60
C ASP A 203 2.38 -28.80 5.96
N GLU A 204 1.38 -28.05 5.54
CA GLU A 204 -0.02 -28.45 5.74
C GLU A 204 -0.82 -28.14 4.47
N LYS A 205 -1.73 -29.04 4.12
CA LYS A 205 -2.59 -28.85 2.95
C LYS A 205 -3.89 -29.61 3.11
N THR B 6 13.12 19.57 -33.02
CA THR B 6 14.41 18.82 -33.08
C THR B 6 14.58 18.06 -31.76
N LYS B 7 14.36 16.74 -31.82
CA LYS B 7 14.01 15.94 -30.63
C LYS B 7 14.93 16.18 -29.43
N GLU B 8 16.23 16.00 -29.63
CA GLU B 8 17.19 16.08 -28.51
C GLU B 8 17.23 17.47 -27.86
N HIS B 9 17.08 18.50 -28.69
CA HIS B 9 16.94 19.88 -28.18
C HIS B 9 15.66 19.98 -27.36
N LYS B 10 14.56 19.48 -27.92
CA LYS B 10 13.26 19.49 -27.27
C LYS B 10 13.32 18.72 -25.96
N ASP B 11 13.99 17.58 -25.96
CA ASP B 11 13.95 16.66 -24.81
C ASP B 11 14.69 17.27 -23.63
N LYS B 12 15.72 18.04 -23.94
CA LYS B 12 16.50 18.72 -22.91
C LYS B 12 15.75 19.91 -22.32
N ARG B 13 15.02 20.65 -23.15
CA ARG B 13 14.23 21.78 -22.65
C ARG B 13 13.09 21.24 -21.79
N GLN B 14 12.43 20.20 -22.29
CA GLN B 14 11.33 19.60 -21.52
C GLN B 14 11.86 19.07 -20.20
N ALA B 15 13.01 18.40 -20.23
CA ALA B 15 13.57 17.85 -19.01
C ALA B 15 13.86 18.99 -18.02
N GLU B 16 14.32 20.12 -18.52
CA GLU B 16 14.63 21.29 -17.69
C GLU B 16 13.36 21.86 -17.04
N ILE B 17 12.32 22.05 -17.85
CA ILE B 17 11.06 22.57 -17.33
C ILE B 17 10.51 21.61 -16.26
N LEU B 18 10.64 20.31 -16.49
CA LEU B 18 10.10 19.33 -15.55
C LEU B 18 10.95 19.26 -14.26
N GLU B 19 12.24 19.57 -14.34
CA GLU B 19 13.09 19.62 -13.15
C GLU B 19 12.66 20.82 -12.29
N ALA B 20 12.36 21.93 -12.96
CA ALA B 20 11.86 23.12 -12.28
C ALA B 20 10.52 22.79 -11.61
N ALA B 21 9.66 22.10 -12.33
CA ALA B 21 8.34 21.73 -11.81
C ALA B 21 8.48 20.79 -10.61
N LYS B 22 9.30 19.77 -10.75
CA LYS B 22 9.63 18.88 -9.63
C LYS B 22 9.98 19.66 -8.37
N THR B 23 10.84 20.65 -8.52
CA THR B 23 11.30 21.47 -7.39
C THR B 23 10.11 22.19 -6.74
N VAL B 24 9.22 22.74 -7.57
CA VAL B 24 8.06 23.45 -7.06
C VAL B 24 7.05 22.50 -6.43
N PHE B 25 6.81 21.36 -7.08
CA PHE B 25 5.88 20.37 -6.57
C PHE B 25 6.30 19.86 -5.19
N LYS B 26 7.59 19.64 -5.01
CA LYS B 26 8.14 19.16 -3.74
C LYS B 26 7.88 20.19 -2.66
N ARG B 27 8.15 21.45 -2.97
CA ARG B 27 8.07 22.53 -2.00
C ARG B 27 6.62 22.85 -1.61
N LYS B 28 5.74 22.94 -2.61
CA LYS B 28 4.39 23.48 -2.43
C LYS B 28 3.27 22.45 -2.48
N GLY B 29 3.59 21.25 -2.94
CA GLY B 29 2.58 20.24 -3.21
C GLY B 29 1.99 20.41 -4.61
N PHE B 30 1.16 19.45 -5.01
CA PHE B 30 0.59 19.46 -6.35
C PHE B 30 -0.45 20.56 -6.55
N GLU B 31 -1.29 20.77 -5.54
CA GLU B 31 -2.47 21.62 -5.68
C GLU B 31 -2.13 23.10 -5.79
N LEU B 32 -1.19 23.55 -4.96
CA LEU B 32 -0.86 24.98 -4.85
C LEU B 32 0.12 25.46 -5.94
N THR B 33 0.63 24.52 -6.73
CA THR B 33 1.60 24.84 -7.78
C THR B 33 0.91 25.38 -9.02
N THR B 34 1.40 26.50 -9.55
CA THR B 34 0.82 27.11 -10.75
C THR B 34 1.80 27.20 -11.92
N LYS B 36 2.79 29.84 -13.52
CA LYS B 36 3.74 30.93 -13.26
C LYS B 36 4.88 30.53 -12.33
N ASP B 37 4.56 29.73 -11.31
CA ASP B 37 5.57 29.26 -10.36
C ASP B 37 6.66 28.50 -11.09
N VAL B 38 6.23 27.65 -12.01
CA VAL B 38 7.15 26.80 -12.75
C VAL B 38 7.95 27.64 -13.72
N VAL B 39 7.29 28.58 -14.40
CA VAL B 39 7.97 29.46 -15.36
C VAL B 39 9.10 30.29 -14.73
N GLU B 40 8.81 30.86 -13.56
CA GLU B 40 9.81 31.55 -12.75
C GLU B 40 10.96 30.64 -12.31
N GLU B 41 10.62 29.44 -11.83
CA GLU B 41 11.63 28.50 -11.33
C GLU B 41 12.51 27.96 -12.45
N SER B 42 11.97 27.88 -13.66
CA SER B 42 12.71 27.28 -14.78
C SER B 42 13.76 28.21 -15.36
N GLY B 43 13.54 29.51 -15.24
CA GLY B 43 14.40 30.50 -15.88
C GLY B 43 14.13 30.68 -17.37
N PHE B 44 13.19 29.91 -17.91
CA PHE B 44 12.77 30.06 -19.31
C PHE B 44 11.68 31.13 -19.43
N SER B 45 11.39 31.54 -20.65
CA SER B 45 10.31 32.49 -20.88
C SER B 45 8.97 31.77 -20.75
N ARG B 46 7.89 32.52 -20.57
CA ARG B 46 6.54 31.95 -20.45
C ARG B 46 6.16 31.14 -21.69
N GLY B 47 6.39 31.70 -22.87
CA GLY B 47 6.10 31.02 -24.12
C GLY B 47 6.95 29.77 -24.35
N GLY B 48 8.15 29.75 -23.79
CA GLY B 48 9.04 28.60 -23.88
C GLY B 48 8.52 27.43 -23.07
N VAL B 49 7.85 27.73 -21.96
CA VAL B 49 7.22 26.70 -21.12
C VAL B 49 5.88 26.24 -21.69
N TYR B 50 5.00 27.18 -22.03
CA TYR B 50 3.66 26.86 -22.54
C TYR B 50 3.71 26.28 -23.96
N LEU B 51 4.91 26.22 -24.52
CA LEU B 51 5.13 25.54 -25.79
C LEU B 51 4.89 24.06 -25.58
N TYR B 52 5.59 23.49 -24.60
CA TYR B 52 5.55 22.06 -24.35
C TYR B 52 4.47 21.61 -23.34
N PHE B 53 4.04 22.50 -22.45
CA PHE B 53 3.03 22.13 -21.45
C PHE B 53 1.92 23.17 -21.26
N SER B 54 0.67 22.70 -21.16
CA SER B 54 -0.49 23.57 -21.01
C SER B 54 -0.99 23.69 -19.57
N SER B 55 -0.58 22.76 -18.71
CA SER B 55 -1.00 22.80 -17.31
C SER B 55 -0.04 22.02 -16.41
N THR B 56 -0.09 22.33 -15.12
CA THR B 56 0.73 21.66 -14.12
C THR B 56 0.41 20.17 -14.04
N GLU B 57 -0.86 19.82 -14.23
CA GLU B 57 -1.24 18.42 -14.14
C GLU B 57 -0.65 17.61 -15.27
N GLU B 58 -0.59 18.21 -16.47
CA GLU B 58 0.09 17.53 -17.57
C GLU B 58 1.54 17.30 -17.18
N PHE B 60 2.82 17.06 -14.04
CA PHE B 60 2.84 16.08 -12.96
C PHE B 60 2.76 14.67 -13.51
N ARG B 61 1.85 14.45 -14.45
CA ARG B 61 1.68 13.12 -15.00
C ARG B 61 2.89 12.76 -15.84
N ARG B 62 3.43 13.75 -16.53
CA ARG B 62 4.63 13.53 -17.33
C ARG B 62 5.75 13.01 -16.45
N ILE B 63 5.92 13.61 -15.27
CA ILE B 63 7.00 13.22 -14.37
C ILE B 63 6.78 11.79 -13.87
N ILE B 64 5.55 11.44 -13.55
CA ILE B 64 5.21 10.10 -13.10
C ILE B 64 5.51 9.08 -14.18
N GLU B 65 5.13 9.38 -15.40
CA GLU B 65 5.33 8.47 -16.52
C GLU B 65 6.80 8.26 -16.81
N THR B 66 7.58 9.33 -16.72
CA THR B 66 9.00 9.28 -17.04
C THR B 66 9.74 8.43 -16.03
N GLY B 67 9.36 8.54 -14.76
CA GLY B 67 9.91 7.71 -13.71
C GLY B 67 9.56 6.23 -13.86
N LEU B 68 8.31 5.94 -14.24
CA LEU B 68 7.91 4.55 -14.46
C LEU B 68 8.66 3.96 -15.66
N ASP B 69 8.79 4.76 -16.71
CA ASP B 69 9.45 4.36 -17.94
C ASP B 69 10.93 4.10 -17.72
N GLU B 70 11.56 4.89 -16.85
CA GLU B 70 12.99 4.81 -16.65
C GLU B 70 13.32 3.57 -15.83
N GLY B 71 12.43 3.24 -14.89
CA GLY B 71 12.60 2.07 -14.04
C GLY B 71 12.50 0.78 -14.85
N LEU B 72 11.56 0.76 -15.79
CA LEU B 72 11.37 -0.39 -16.65
C LEU B 72 12.50 -0.48 -17.66
N ARG B 73 12.98 0.68 -18.13
CA ARG B 73 14.16 0.75 -19.00
C ARG B 73 15.35 0.11 -18.32
N LYS B 74 15.59 0.49 -17.07
CA LYS B 74 16.69 -0.04 -16.28
C LYS B 74 16.59 -1.56 -16.14
N LEU B 75 15.39 -2.08 -15.86
CA LEU B 75 15.19 -3.53 -15.80
C LEU B 75 15.45 -4.21 -17.16
N ASP B 76 14.92 -3.66 -18.24
CA ASP B 76 15.05 -4.25 -19.58
C ASP B 76 16.51 -4.28 -20.02
N LYS B 77 17.21 -3.16 -19.86
CA LYS B 77 18.61 -3.06 -20.27
C LYS B 77 19.50 -3.98 -19.45
N SER B 78 19.27 -4.02 -18.14
CA SER B 78 20.06 -4.89 -17.28
C SER B 78 19.88 -6.32 -17.77
N ALA B 79 18.66 -6.66 -18.15
CA ALA B 79 18.36 -8.01 -18.66
C ALA B 79 18.86 -8.27 -20.09
N GLU B 80 19.55 -7.30 -20.70
CA GLU B 80 20.27 -7.56 -21.96
C GLU B 80 21.71 -7.98 -21.68
N HIS B 81 22.13 -7.85 -20.42
CA HIS B 81 23.54 -7.99 -20.06
C HIS B 81 23.80 -8.94 -18.90
N GLN B 82 22.71 -9.44 -18.33
CA GLN B 82 22.75 -10.53 -17.34
C GLN B 82 21.42 -11.24 -17.38
N SER B 83 21.22 -12.21 -16.51
CA SER B 83 19.98 -12.98 -16.50
C SER B 83 18.83 -12.08 -16.06
N VAL B 84 17.62 -12.47 -16.43
CA VAL B 84 16.43 -11.76 -15.99
C VAL B 84 16.37 -11.85 -14.47
N TRP B 85 16.65 -13.03 -13.92
CA TRP B 85 16.60 -13.17 -12.48
C TRP B 85 17.59 -12.23 -11.80
N ALA B 86 18.80 -12.13 -12.34
CA ALA B 86 19.82 -11.25 -11.77
C ALA B 86 19.41 -9.79 -11.87
N SER B 87 18.68 -9.44 -12.92
CA SER B 87 18.24 -8.06 -13.11
C SER B 87 17.16 -7.69 -12.11
N ILE B 88 16.25 -8.62 -11.84
CA ILE B 88 15.19 -8.36 -10.87
C ILE B 88 15.77 -8.31 -9.46
N SER B 89 16.65 -9.27 -9.13
CA SER B 89 17.28 -9.29 -7.81
C SER B 89 18.09 -8.03 -7.53
N SER B 90 18.78 -7.54 -8.55
CA SER B 90 19.60 -6.34 -8.44
C SER B 90 18.71 -5.13 -8.17
N TYR B 91 17.56 -5.09 -8.83
CA TYR B 91 16.58 -4.06 -8.53
C TYR B 91 16.19 -4.08 -7.06
N LEU B 92 15.92 -5.27 -6.51
CA LEU B 92 15.44 -5.37 -5.12
C LEU B 92 16.55 -5.08 -4.09
N ASP B 93 17.78 -5.43 -4.42
CA ASP B 93 18.92 -5.19 -3.52
C ASP B 93 19.21 -3.70 -3.40
N GLU B 94 19.03 -3.02 -4.51
CA GLU B 94 19.21 -1.58 -4.64
C GLU B 94 18.25 -0.75 -3.80
N LEU B 95 17.14 -1.37 -3.37
CA LEU B 95 16.07 -0.63 -2.71
C LEU B 95 16.43 -0.07 -1.36
N THR B 96 17.18 -0.80 -0.55
CA THR B 96 17.55 -0.26 0.77
C THR B 96 18.30 1.05 0.58
N GLU B 97 19.24 1.04 -0.37
CA GLU B 97 20.12 2.19 -0.60
C GLU B 97 19.39 3.32 -1.31
N GLY B 98 18.50 2.97 -2.22
CA GLY B 98 17.80 3.95 -3.03
C GLY B 98 16.68 4.67 -2.31
N LEU B 99 16.28 4.16 -1.15
CA LEU B 99 15.13 4.70 -0.45
C LEU B 99 15.52 5.52 0.79
N ARG B 100 16.82 5.73 0.98
CA ARG B 100 17.28 6.40 2.18
C ARG B 100 16.62 7.77 2.38
N ASP B 101 16.55 8.58 1.33
CA ASP B 101 15.94 9.91 1.43
C ASP B 101 14.69 10.06 0.55
N VAL B 102 13.79 9.08 0.64
N VAL B 102 13.80 9.08 0.63
CA VAL B 102 12.57 9.10 -0.19
CA VAL B 102 12.59 9.10 -0.18
C VAL B 102 11.69 10.29 0.16
C VAL B 102 11.67 10.26 0.17
N ALA B 103 11.70 10.68 1.43
CA ALA B 103 10.85 11.76 1.92
C ALA B 103 11.17 13.11 1.26
N ASP B 104 12.35 13.23 0.66
CA ASP B 104 12.76 14.45 -0.01
C ASP B 104 12.67 14.31 -1.53
N THR B 105 11.92 13.33 -1.99
CA THR B 105 11.65 13.17 -3.42
C THR B 105 10.19 13.52 -3.66
N LEU B 106 9.74 13.33 -4.89
CA LEU B 106 8.34 13.55 -5.21
C LEU B 106 7.45 12.35 -4.86
N ALA B 107 8.06 11.21 -4.49
CA ALA B 107 7.28 9.99 -4.21
C ALA B 107 6.05 10.23 -3.34
N PRO B 108 6.20 10.89 -2.20
CA PRO B 108 5.04 11.12 -1.32
C PRO B 108 3.96 12.01 -1.96
N VAL B 109 4.36 13.02 -2.72
CA VAL B 109 3.39 13.89 -3.37
C VAL B 109 2.63 13.06 -4.39
N GLN B 110 3.35 12.19 -5.08
CA GLN B 110 2.74 11.30 -6.07
C GLN B 110 1.78 10.27 -5.46
N PHE B 111 2.15 9.70 -4.31
N PHE B 111 2.17 9.74 -4.31
CA PHE B 111 1.26 8.75 -3.64
CA PHE B 111 1.35 8.78 -3.56
C PHE B 111 -0.02 9.44 -3.16
C PHE B 111 0.02 9.43 -3.16
N GLU B 112 0.09 10.67 -2.71
CA GLU B 112 -1.10 11.43 -2.32
C GLU B 112 -2.02 11.70 -3.52
N TYR B 113 -1.41 11.98 -4.66
CA TYR B 113 -2.16 12.26 -5.88
C TYR B 113 -2.94 11.00 -6.29
N LEU B 114 -2.28 9.86 -6.23
CA LEU B 114 -2.88 8.59 -6.64
C LEU B 114 -3.97 8.11 -5.67
N VAL B 115 -3.79 8.37 -4.38
CA VAL B 115 -4.76 7.94 -3.39
C VAL B 115 -6.16 8.55 -3.56
N THR B 116 -6.25 9.78 -4.06
N THR B 116 -6.25 9.77 -4.08
CA THR B 116 -7.55 10.43 -4.24
CA THR B 116 -7.56 10.42 -4.25
C THR B 116 -8.23 10.06 -5.56
C THR B 116 -8.30 9.96 -5.50
N ALA B 117 -7.62 9.15 -6.33
CA ALA B 117 -8.22 8.66 -7.57
C ALA B 117 -9.48 7.82 -7.36
N TRP B 118 -9.74 7.40 -6.14
CA TRP B 118 -10.91 6.54 -5.90
C TRP B 118 -12.20 7.34 -6.01
N ARG B 119 -12.09 8.67 -5.90
CA ARG B 119 -13.25 9.55 -6.01
C ARG B 119 -13.09 10.57 -7.15
N ASN B 120 -12.35 10.19 -8.18
CA ASN B 120 -12.12 11.05 -9.35
C ASN B 120 -11.89 10.14 -10.55
N GLU B 121 -12.94 9.91 -11.34
CA GLU B 121 -12.93 8.82 -12.30
C GLU B 121 -11.92 8.98 -13.43
N GLU B 122 -11.77 10.18 -13.97
CA GLU B 122 -10.77 10.45 -15.01
C GLU B 122 -9.37 10.08 -14.52
N ARG B 123 -9.04 10.55 -13.32
CA ARG B 123 -7.75 10.22 -12.70
C ARG B 123 -7.59 8.72 -12.48
N ARG B 124 -8.65 8.06 -12.03
CA ARG B 124 -8.62 6.63 -11.80
C ARG B 124 -8.32 5.89 -13.08
N GLN B 125 -8.97 6.30 -14.16
CA GLN B 125 -8.74 5.69 -15.47
C GLN B 125 -7.30 5.89 -15.93
N TYR B 126 -6.74 7.07 -15.69
CA TYR B 126 -5.32 7.32 -15.99
C TYR B 126 -4.40 6.37 -15.21
N LEU B 127 -4.63 6.26 -13.91
N LEU B 127 -4.68 6.16 -13.93
CA LEU B 127 -3.90 5.33 -13.06
CA LEU B 127 -3.88 5.28 -13.08
C LEU B 127 -3.98 3.93 -13.70
C LEU B 127 -4.02 3.82 -13.48
N GLU B 128 -5.20 3.45 -13.96
CA GLU B 128 -5.40 2.10 -14.45
C GLU B 128 -4.62 1.85 -15.74
N LYS B 129 -4.54 2.86 -16.60
CA LYS B 129 -3.77 2.72 -17.84
C LYS B 129 -2.30 2.51 -17.54
N ARG B 130 -1.78 3.25 -16.55
CA ARG B 130 -0.39 3.12 -16.18
C ARG B 130 -0.16 1.77 -15.50
N TYR B 131 -1.11 1.34 -14.69
CA TYR B 131 -1.10 0.02 -14.08
C TYR B 131 -1.00 -1.06 -15.16
N ASP B 132 -1.89 -0.98 -16.14
CA ASP B 132 -1.93 -1.92 -17.24
C ASP B 132 -0.60 -1.98 -17.97
N LEU B 133 0.00 -0.82 -18.22
CA LEU B 133 1.27 -0.75 -18.93
C LEU B 133 2.40 -1.42 -18.15
N PHE B 134 2.43 -1.22 -16.83
CA PHE B 134 3.42 -1.89 -16.00
C PHE B 134 3.25 -3.41 -16.04
N VAL B 135 2.02 -3.87 -15.93
CA VAL B 135 1.74 -5.29 -15.91
C VAL B 135 2.22 -5.90 -17.21
N GLU B 136 1.91 -5.24 -18.32
CA GLU B 136 2.29 -5.76 -19.63
C GLU B 136 3.81 -5.83 -19.77
N ARG B 137 4.50 -4.74 -19.45
CA ARG B 137 5.95 -4.66 -19.58
C ARG B 137 6.71 -5.62 -18.67
N PHE B 138 6.25 -5.73 -17.42
CA PHE B 138 6.90 -6.62 -16.47
C PHE B 138 6.62 -8.08 -16.84
N SER B 139 5.40 -8.36 -17.28
CA SER B 139 5.06 -9.69 -17.77
C SER B 139 5.97 -10.08 -18.94
N ARG B 140 6.27 -9.12 -19.80
CA ARG B 140 7.12 -9.39 -20.96
C ARG B 140 8.56 -9.70 -20.54
N LEU B 141 9.03 -9.00 -19.50
CA LEU B 141 10.32 -9.31 -18.92
C LEU B 141 10.32 -10.74 -18.34
N LEU B 142 9.29 -11.10 -17.59
CA LEU B 142 9.24 -12.45 -17.03
C LEU B 142 9.22 -13.50 -18.15
N GLN B 143 8.51 -13.20 -19.22
CA GLN B 143 8.43 -14.13 -20.34
C GLN B 143 9.79 -14.33 -21.01
N LYS B 144 10.59 -13.27 -21.09
CA LYS B 144 11.95 -13.39 -21.58
C LYS B 144 12.70 -14.39 -20.74
N GLY B 145 12.54 -14.30 -19.42
CA GLY B 145 13.14 -15.26 -18.52
C GLY B 145 12.69 -16.71 -18.76
N ILE B 146 11.41 -16.92 -19.05
CA ILE B 146 10.94 -18.25 -19.41
C ILE B 146 11.58 -18.70 -20.71
N ASP B 147 11.65 -17.80 -21.69
CA ASP B 147 12.21 -18.13 -23.00
C ASP B 147 13.70 -18.51 -22.92
N GLN B 148 14.40 -17.94 -21.94
CA GLN B 148 15.83 -18.21 -21.72
C GLN B 148 16.02 -19.37 -20.77
N GLY B 149 14.93 -19.99 -20.35
CA GLY B 149 14.98 -21.17 -19.50
C GLY B 149 15.21 -20.90 -18.03
N GLU B 150 15.02 -19.66 -17.60
CA GLU B 150 15.25 -19.30 -16.19
C GLU B 150 14.10 -19.66 -15.26
N PHE B 151 12.88 -19.53 -15.77
CA PHE B 151 11.67 -19.62 -14.96
C PHE B 151 10.67 -20.65 -15.50
N GLN B 152 9.92 -21.27 -14.59
CA GLN B 152 8.76 -22.09 -14.91
C GLN B 152 7.66 -21.72 -13.92
N PRO B 153 7.00 -20.58 -14.13
CA PRO B 153 6.12 -20.02 -13.11
C PRO B 153 4.91 -20.91 -12.75
N VAL B 154 4.49 -20.86 -11.48
CA VAL B 154 3.35 -21.62 -11.02
C VAL B 154 2.11 -20.74 -10.84
N GLN B 155 2.23 -19.46 -11.17
CA GLN B 155 1.08 -18.55 -11.24
C GLN B 155 1.15 -17.75 -12.53
N PRO B 156 0.03 -17.16 -12.96
CA PRO B 156 0.00 -16.34 -14.17
C PRO B 156 0.96 -15.15 -14.08
N LEU B 157 1.55 -14.77 -15.20
CA LEU B 157 2.52 -13.67 -15.21
C LEU B 157 1.93 -12.35 -14.72
N ALA B 158 0.68 -12.09 -15.12
CA ALA B 158 0.00 -10.86 -14.75
C ALA B 158 -0.24 -10.79 -13.24
N THR B 159 -0.56 -11.93 -12.62
CA THR B 159 -0.71 -11.98 -11.16
C THR B 159 0.62 -11.70 -10.47
N ILE B 160 1.69 -12.33 -10.95
CA ILE B 160 3.02 -12.10 -10.39
C ILE B 160 3.42 -10.63 -10.51
N ALA B 161 3.16 -10.03 -11.68
CA ALA B 161 3.47 -8.63 -11.92
C ALA B 161 2.71 -7.72 -10.94
N LYS B 162 1.43 -8.02 -10.75
CA LYS B 162 0.59 -7.21 -9.86
C LYS B 162 1.06 -7.35 -8.41
N PHE B 163 1.39 -8.58 -8.01
CA PHE B 163 1.91 -8.81 -6.67
C PHE B 163 3.23 -8.06 -6.49
N PHE B 164 4.07 -8.09 -7.52
CA PHE B 164 5.36 -7.39 -7.50
C PHE B 164 5.18 -5.89 -7.31
N LEU B 165 4.22 -5.32 -8.04
CA LEU B 165 3.93 -3.90 -7.92
C LEU B 165 3.52 -3.59 -6.48
N ASN B 166 2.64 -4.41 -5.89
CA ASN B 166 2.20 -4.21 -4.51
C ASN B 166 3.31 -4.31 -3.45
N ASN B 168 6.56 -3.85 -4.03
CA ASN B 168 7.41 -2.72 -4.34
C ASN B 168 6.85 -1.43 -3.74
N ASP B 169 5.55 -1.21 -3.93
CA ASP B 169 4.92 0.03 -3.45
C ASP B 169 4.87 0.06 -1.92
N GLY B 170 4.71 -1.12 -1.33
CA GLY B 170 4.71 -1.28 0.11
C GLY B 170 6.07 -1.00 0.70
N ILE B 171 7.13 -1.46 0.04
CA ILE B 171 8.48 -1.17 0.49
C ILE B 171 8.77 0.34 0.45
N ILE B 172 8.36 1.02 -0.62
CA ILE B 172 8.61 2.46 -0.74
C ILE B 172 7.86 3.20 0.36
N GLN B 173 6.61 2.80 0.58
CA GLN B 173 5.77 3.37 1.60
C GLN B 173 6.36 3.16 2.98
N ASN B 174 6.86 1.96 3.28
CA ASN B 174 7.49 1.73 4.59
C ASN B 174 8.66 2.68 4.86
N ALA B 175 9.50 2.90 3.85
CA ALA B 175 10.65 3.79 4.00
C ALA B 175 10.21 5.23 4.23
N LEU B 176 9.05 5.58 3.69
N LEU B 176 9.05 5.57 3.70
CA LEU B 176 8.49 6.92 3.80
CA LEU B 176 8.51 6.92 3.81
C LEU B 176 7.95 7.19 5.21
C LEU B 176 7.95 7.19 5.21
N TYR B 177 7.19 6.23 5.74
CA TYR B 177 6.46 6.43 6.98
C TYR B 177 7.23 6.12 8.27
N PHE B 178 8.29 5.32 8.20
CA PHE B 178 9.01 4.88 9.40
C PHE B 178 10.51 5.07 9.29
N ASP B 179 11.17 5.11 10.45
CA ASP B 179 12.62 5.15 10.47
C ASP B 179 13.17 3.86 9.88
N GLU B 180 14.48 3.81 9.66
CA GLU B 180 15.13 2.73 8.92
C GLU B 180 14.94 1.33 9.51
N GLU B 181 15.15 1.17 10.80
CA GLU B 181 15.03 -0.17 11.39
C GLU B 181 13.59 -0.68 11.36
N LYS B 182 12.65 0.22 11.61
CA LYS B 182 11.24 -0.16 11.63
C LYS B 182 10.72 -0.44 10.22
N ALA B 183 11.17 0.35 9.24
CA ALA B 183 10.70 0.16 7.87
C ALA B 183 11.14 -1.19 7.36
N ASP B 184 12.32 -1.62 7.80
CA ASP B 184 12.89 -2.90 7.43
C ASP B 184 12.87 -3.16 5.94
N VAL B 185 13.30 -2.17 5.17
CA VAL B 185 13.30 -2.31 3.72
C VAL B 185 14.08 -3.54 3.30
N SER B 186 15.21 -3.78 3.95
CA SER B 186 16.10 -4.88 3.57
C SER B 186 15.42 -6.25 3.73
N GLY B 187 14.68 -6.43 4.82
CA GLY B 187 13.99 -7.67 5.11
C GLY B 187 12.80 -7.88 4.18
N LEU B 188 12.07 -6.81 3.90
CA LEU B 188 10.99 -6.85 2.91
C LEU B 188 11.45 -7.17 1.51
N ALA B 189 12.60 -6.64 1.11
CA ALA B 189 13.17 -6.98 -0.18
C ALA B 189 13.60 -8.46 -0.25
N GLU B 190 14.13 -8.98 0.85
CA GLU B 190 14.50 -10.40 0.93
C GLU B 190 13.26 -11.28 0.86
N SER B 191 12.17 -10.83 1.47
CA SER B 191 10.90 -11.53 1.39
C SER B 191 10.37 -11.51 -0.03
N ALA B 192 10.49 -10.37 -0.70
CA ALA B 192 10.05 -10.25 -2.09
C ALA B 192 10.83 -11.18 -2.98
N LYS B 193 12.13 -11.28 -2.72
CA LYS B 193 12.99 -12.13 -3.52
C LYS B 193 12.62 -13.59 -3.32
N LEU B 194 12.25 -13.95 -2.08
CA LEU B 194 11.89 -15.32 -1.77
C LEU B 194 10.60 -15.65 -2.51
N TYR B 195 9.63 -14.75 -2.46
CA TYR B 195 8.39 -14.95 -3.20
C TYR B 195 8.65 -15.14 -4.69
N LEU B 196 9.43 -14.24 -5.28
CA LEU B 196 9.69 -14.29 -6.72
C LEU B 196 10.41 -15.58 -7.11
N LYS B 197 11.41 -15.98 -6.33
CA LYS B 197 12.16 -17.19 -6.61
C LYS B 197 11.26 -18.41 -6.58
N THR B 198 10.32 -18.41 -5.66
CA THR B 198 9.42 -19.54 -5.48
C THR B 198 8.39 -19.60 -6.58
N VAL B 199 7.68 -18.50 -6.81
CA VAL B 199 6.63 -18.44 -7.82
C VAL B 199 7.17 -18.61 -9.24
N LEU B 200 8.41 -18.22 -9.48
CA LEU B 200 9.03 -18.35 -10.79
C LEU B 200 9.86 -19.64 -10.95
N GLN B 201 10.00 -20.40 -9.87
CA GLN B 201 10.90 -21.57 -9.83
C GLN B 201 12.29 -21.24 -10.37
N ALA B 202 12.80 -20.06 -10.01
CA ALA B 202 14.10 -19.61 -10.47
C ALA B 202 15.19 -20.35 -9.70
N ASP B 203 16.18 -20.89 -10.40
CA ASP B 203 17.16 -21.73 -9.72
C ASP B 203 18.58 -21.15 -9.74
N GLU B 204 18.69 -19.86 -10.05
CA GLU B 204 19.98 -19.19 -10.10
C GLU B 204 20.43 -18.69 -8.72
N LYS B 205 21.66 -19.04 -8.36
CA LYS B 205 22.26 -18.59 -7.11
C LYS B 205 23.79 -18.65 -7.20
#